data_2BN0
#
_entry.id   2BN0
#
_cell.length_a   81.800
_cell.length_b   81.800
_cell.length_c   147.200
_cell.angle_alpha   90.00
_cell.angle_beta   90.00
_cell.angle_gamma   120.00
#
_symmetry.space_group_name_H-M   'P 32 2 1'
#
loop_
_entity.id
_entity.type
_entity.pdbx_description
1 polymer 'RIPENING-ASSOCIATED PROTEIN'
2 branched beta-D-glucopyranose-(1-3)-beta-D-glucopyranose
3 non-polymer 'CADMIUM ION'
4 non-polymer 'SULFATE ION'
5 water water
#
_entity_poly.entity_id   1
_entity_poly.type   'polypeptide(L)'
_entity_poly.pdbx_seq_one_letter_code
;MNGAIKVGAWGGNGGSAFDMGPAYRIISVKIFSGDVVDGVDVTFTYYGKTETRHYGGSGGTPHEIVLQEGEYLVGMAGEV
ANYHGAVVLGKLGFSTNKKAYGPFGNTGGTPFSLPIAAGKISGFFGRGGKFLDAIGVYLEP
;
_entity_poly.pdbx_strand_id   A,B
#
loop_
_chem_comp.id
_chem_comp.type
_chem_comp.name
_chem_comp.formula
BGC D-saccharide, beta linking beta-D-glucopyranose 'C6 H12 O6'
CD non-polymer 'CADMIUM ION' 'Cd 2'
SO4 non-polymer 'SULFATE ION' 'O4 S -2'
#
# COMPACT_ATOMS: atom_id res chain seq x y z
N MET A 1 -4.07 -7.77 21.28
CA MET A 1 -5.28 -8.43 20.70
C MET A 1 -5.50 -9.85 21.26
N ASN A 2 -5.24 -10.88 20.47
CA ASN A 2 -5.43 -12.25 20.94
C ASN A 2 -4.16 -12.85 21.51
N GLY A 3 -3.80 -12.37 22.70
CA GLY A 3 -2.61 -12.86 23.37
C GLY A 3 -1.35 -12.22 22.80
N ALA A 4 -1.52 -11.10 22.11
CA ALA A 4 -0.39 -10.39 21.53
C ALA A 4 0.38 -9.60 22.59
N ILE A 5 1.66 -9.38 22.32
CA ILE A 5 2.51 -8.60 23.22
C ILE A 5 3.03 -7.43 22.41
N LYS A 6 2.41 -6.27 22.59
CA LYS A 6 2.85 -5.09 21.87
C LYS A 6 3.61 -4.18 22.79
N VAL A 7 4.92 -4.23 22.69
CA VAL A 7 5.77 -3.39 23.52
C VAL A 7 6.25 -2.24 22.67
N GLY A 8 6.26 -1.04 23.24
CA GLY A 8 6.73 0.09 22.48
C GLY A 8 5.74 1.16 22.12
N ALA A 9 6.19 1.94 21.14
CA ALA A 9 5.53 3.10 20.59
C ALA A 9 6.56 4.17 20.91
N TRP A 10 7.79 3.95 20.46
CA TRP A 10 8.89 4.89 20.68
C TRP A 10 8.89 5.99 19.62
N GLY A 11 8.87 7.24 20.05
CA GLY A 11 8.87 8.33 19.09
C GLY A 11 7.96 9.49 19.48
N GLY A 12 7.47 10.21 18.49
CA GLY A 12 6.61 11.35 18.77
C GLY A 12 5.15 11.02 18.57
N ASN A 13 4.28 11.94 18.98
CA ASN A 13 2.84 11.75 18.85
C ASN A 13 2.24 12.23 17.52
N GLY A 14 3.07 12.83 16.68
CA GLY A 14 2.55 13.30 15.40
C GLY A 14 2.25 12.15 14.45
N GLY A 15 1.98 12.49 13.19
CA GLY A 15 1.68 11.49 12.18
C GLY A 15 0.37 10.77 12.43
N SER A 16 0.15 9.70 11.67
CA SER A 16 -1.05 8.89 11.80
C SER A 16 -0.69 7.45 12.13
N ALA A 17 -1.44 6.87 13.05
CA ALA A 17 -1.20 5.50 13.49
C ALA A 17 -1.23 4.46 12.38
N PHE A 18 -0.30 3.50 12.47
CA PHE A 18 -0.22 2.40 11.52
C PHE A 18 0.01 1.14 12.35
N ASP A 19 -0.57 0.03 11.91
CA ASP A 19 -0.45 -1.22 12.63
C ASP A 19 -0.32 -2.38 11.65
N MET A 20 0.82 -3.04 11.64
CA MET A 20 1.03 -4.15 10.72
C MET A 20 0.37 -5.42 11.24
N GLY A 21 0.21 -5.50 12.56
CA GLY A 21 -0.35 -6.69 13.17
C GLY A 21 0.76 -7.73 13.21
N PRO A 22 0.62 -8.79 14.00
CA PRO A 22 1.70 -9.79 14.03
C PRO A 22 1.79 -10.53 12.69
N ALA A 23 2.99 -11.01 12.37
CA ALA A 23 3.19 -11.74 11.12
C ALA A 23 3.40 -13.22 11.44
N TYR A 24 3.39 -14.05 10.39
CA TYR A 24 3.62 -15.47 10.58
C TYR A 24 5.11 -15.70 10.35
N ARG A 25 5.71 -14.82 9.56
CA ARG A 25 7.13 -14.93 9.26
C ARG A 25 7.58 -13.66 8.54
N ILE A 26 8.42 -12.85 9.19
CA ILE A 26 8.92 -11.64 8.54
C ILE A 26 10.04 -12.03 7.61
N ILE A 27 9.83 -11.83 6.32
CA ILE A 27 10.82 -12.18 5.29
C ILE A 27 11.95 -11.14 5.18
N SER A 28 11.57 -9.87 5.12
CA SER A 28 12.56 -8.80 5.00
C SER A 28 12.03 -7.47 5.51
N VAL A 29 12.94 -6.66 6.03
CA VAL A 29 12.60 -5.33 6.53
C VAL A 29 13.52 -4.33 5.82
N LYS A 30 12.96 -3.23 5.34
CA LYS A 30 13.74 -2.23 4.63
C LYS A 30 13.55 -0.86 5.27
N ILE A 31 14.63 -0.30 5.83
CA ILE A 31 14.54 1.01 6.48
C ILE A 31 15.03 2.12 5.55
N PHE A 32 14.16 3.08 5.27
CA PHE A 32 14.49 4.21 4.42
C PHE A 32 14.90 5.40 5.27
N SER A 33 16.20 5.68 5.28
CA SER A 33 16.72 6.77 6.09
C SER A 33 17.39 7.90 5.32
N GLY A 34 17.43 9.06 5.95
CA GLY A 34 18.04 10.24 5.39
C GLY A 34 18.68 10.95 6.57
N ASP A 35 18.19 12.14 6.90
CA ASP A 35 18.72 12.85 8.06
C ASP A 35 18.12 12.07 9.22
N VAL A 36 16.91 11.59 8.98
CA VAL A 36 16.13 10.82 9.94
C VAL A 36 15.64 9.54 9.27
N VAL A 37 14.71 8.85 9.94
CA VAL A 37 14.13 7.63 9.39
C VAL A 37 12.86 8.06 8.67
N ASP A 38 12.79 7.76 7.38
CA ASP A 38 11.64 8.13 6.57
C ASP A 38 10.48 7.17 6.73
N GLY A 39 10.76 5.89 6.50
CA GLY A 39 9.74 4.88 6.62
C GLY A 39 10.34 3.49 6.69
N VAL A 40 9.47 2.51 6.87
CA VAL A 40 9.88 1.11 6.94
C VAL A 40 8.97 0.33 6.01
N ASP A 41 9.57 -0.50 5.17
CA ASP A 41 8.83 -1.33 4.23
C ASP A 41 9.01 -2.74 4.76
N VAL A 42 7.90 -3.44 4.99
CA VAL A 42 7.98 -4.79 5.51
C VAL A 42 7.32 -5.85 4.63
N THR A 43 8.06 -6.92 4.33
CA THR A 43 7.52 -8.00 3.52
C THR A 43 7.47 -9.26 4.38
N PHE A 44 6.28 -9.81 4.51
CA PHE A 44 6.07 -10.97 5.36
C PHE A 44 4.97 -11.86 4.81
N THR A 45 4.78 -13.02 5.44
CA THR A 45 3.73 -13.94 5.03
C THR A 45 2.67 -13.98 6.13
N TYR A 46 1.41 -13.90 5.73
CA TYR A 46 0.30 -13.93 6.68
C TYR A 46 -0.82 -14.80 6.15
N TYR A 47 -1.15 -15.84 6.92
CA TYR A 47 -2.20 -16.77 6.55
C TYR A 47 -2.02 -17.30 5.14
N GLY A 48 -0.77 -17.63 4.81
CA GLY A 48 -0.48 -18.20 3.51
C GLY A 48 0.11 -17.29 2.45
N LYS A 49 -0.46 -16.10 2.28
CA LYS A 49 0.02 -15.18 1.27
C LYS A 49 1.15 -14.28 1.73
N THR A 50 2.00 -13.89 0.78
CA THR A 50 3.12 -13.00 1.06
C THR A 50 2.59 -11.57 0.93
N GLU A 51 2.89 -10.74 1.92
CA GLU A 51 2.42 -9.37 1.91
C GLU A 51 3.55 -8.36 2.10
N THR A 52 3.29 -7.13 1.68
CA THR A 52 4.24 -6.02 1.83
C THR A 52 3.45 -4.80 2.27
N ARG A 53 3.98 -4.09 3.26
CA ARG A 53 3.35 -2.90 3.78
C ARG A 53 4.36 -1.76 3.72
N HIS A 54 3.86 -0.54 3.52
CA HIS A 54 4.71 0.65 3.42
C HIS A 54 4.37 1.62 4.54
N TYR A 55 5.28 1.76 5.50
CA TYR A 55 5.07 2.63 6.65
C TYR A 55 5.98 3.84 6.67
N GLY A 56 5.45 4.94 7.17
CA GLY A 56 6.22 6.17 7.24
C GLY A 56 6.13 6.89 5.91
N GLY A 57 7.10 7.77 5.65
CA GLY A 57 7.12 8.51 4.40
C GLY A 57 7.79 7.77 3.26
N SER A 58 7.71 8.38 2.07
CA SER A 58 8.28 7.80 0.85
C SER A 58 9.73 8.20 0.57
N GLY A 59 10.25 9.20 1.27
CA GLY A 59 11.61 9.63 1.05
C GLY A 59 12.67 8.65 1.55
N GLY A 60 13.90 9.15 1.73
CA GLY A 60 14.98 8.33 2.22
C GLY A 60 15.53 7.28 1.29
N THR A 61 16.65 6.68 1.70
CA THR A 61 17.33 5.64 0.94
C THR A 61 17.21 4.32 1.68
N PRO A 62 16.91 3.24 0.95
CA PRO A 62 16.76 1.89 1.49
C PRO A 62 17.98 1.15 2.01
N HIS A 63 17.77 0.48 3.15
CA HIS A 63 18.71 -0.39 3.79
C HIS A 63 17.90 -1.61 4.19
N GLU A 64 18.12 -2.71 3.48
CA GLU A 64 17.31 -3.90 3.73
C GLU A 64 17.94 -4.99 4.59
N ILE A 65 17.08 -5.61 5.40
CA ILE A 65 17.47 -6.71 6.26
C ILE A 65 16.68 -7.90 5.76
N VAL A 66 17.38 -8.92 5.26
CA VAL A 66 16.70 -10.11 4.76
C VAL A 66 16.94 -11.24 5.75
N LEU A 67 15.85 -11.76 6.30
CA LEU A 67 15.95 -12.84 7.28
C LEU A 67 16.13 -14.21 6.65
N GLN A 68 17.35 -14.71 6.73
CA GLN A 68 17.69 -16.02 6.21
C GLN A 68 16.95 -17.02 7.10
N GLU A 69 16.73 -18.23 6.59
CA GLU A 69 16.01 -19.22 7.38
C GLU A 69 16.66 -19.47 8.74
N GLY A 70 15.86 -19.39 9.79
CA GLY A 70 16.37 -19.60 11.13
C GLY A 70 16.84 -18.33 11.80
N GLU A 71 16.83 -17.23 11.04
CA GLU A 71 17.27 -15.93 11.55
C GLU A 71 16.05 -15.09 11.90
N TYR A 72 16.08 -14.45 13.07
CA TYR A 72 14.98 -13.63 13.55
C TYR A 72 15.42 -12.27 14.06
N LEU A 73 14.48 -11.34 14.14
CA LEU A 73 14.77 -10.01 14.65
C LEU A 73 14.71 -10.12 16.18
N VAL A 74 15.86 -10.05 16.83
CA VAL A 74 15.93 -10.18 18.27
C VAL A 74 16.27 -8.89 19.00
N GLY A 75 16.27 -7.77 18.30
CA GLY A 75 16.58 -6.51 18.95
C GLY A 75 16.31 -5.29 18.09
N MET A 76 15.99 -4.18 18.73
CA MET A 76 15.72 -2.94 18.00
C MET A 76 16.14 -1.75 18.86
N ALA A 77 16.76 -0.75 18.24
CA ALA A 77 17.22 0.45 18.94
C ALA A 77 17.26 1.63 18.00
N GLY A 78 17.42 2.82 18.56
CA GLY A 78 17.47 4.01 17.74
C GLY A 78 17.44 5.27 18.58
N GLU A 79 16.95 6.35 18.00
CA GLU A 79 16.86 7.62 18.71
C GLU A 79 15.67 8.44 18.23
N VAL A 80 14.86 8.90 19.18
CA VAL A 80 13.71 9.72 18.86
C VAL A 80 14.23 11.15 18.91
N ALA A 81 14.33 11.78 17.74
CA ALA A 81 14.85 13.13 17.64
C ALA A 81 13.80 14.16 17.22
N ASN A 82 14.20 15.42 17.28
CA ASN A 82 13.32 16.51 16.86
C ASN A 82 13.86 16.91 15.50
N TYR A 83 12.98 16.90 14.50
CA TYR A 83 13.38 17.23 13.14
C TYR A 83 12.44 18.26 12.53
N HIS A 84 12.86 19.52 12.60
CA HIS A 84 12.06 20.62 12.07
C HIS A 84 10.67 20.66 12.69
N GLY A 85 10.63 20.81 14.01
CA GLY A 85 9.38 20.87 14.74
C GLY A 85 8.57 19.59 14.74
N ALA A 86 9.24 18.46 14.58
CA ALA A 86 8.53 17.18 14.57
C ALA A 86 9.37 16.09 15.23
N VAL A 87 8.81 15.47 16.25
CA VAL A 87 9.51 14.40 16.95
C VAL A 87 9.38 13.11 16.16
N VAL A 88 10.48 12.65 15.58
CA VAL A 88 10.49 11.43 14.80
C VAL A 88 11.77 10.67 15.07
N LEU A 89 11.88 9.47 14.51
CA LEU A 89 13.09 8.68 14.70
C LEU A 89 14.19 9.20 13.79
N GLY A 90 15.31 9.62 14.38
CA GLY A 90 16.43 10.13 13.61
C GLY A 90 17.43 9.01 13.34
N LYS A 91 17.29 7.92 14.07
CA LYS A 91 18.16 6.76 13.92
C LYS A 91 17.37 5.51 14.31
N LEU A 92 17.56 4.43 13.54
CA LEU A 92 16.87 3.18 13.83
C LEU A 92 17.74 2.02 13.37
N GLY A 93 17.76 0.95 14.16
CA GLY A 93 18.56 -0.21 13.80
C GLY A 93 17.96 -1.48 14.37
N PHE A 94 18.37 -2.62 13.82
CA PHE A 94 17.87 -3.91 14.30
C PHE A 94 19.03 -4.87 14.47
N SER A 95 18.75 -5.97 15.17
CA SER A 95 19.76 -7.00 15.41
C SER A 95 19.09 -8.33 15.20
N THR A 96 19.80 -9.27 14.60
CA THR A 96 19.28 -10.59 14.38
C THR A 96 20.18 -11.54 15.15
N ASN A 97 19.69 -12.75 15.37
CA ASN A 97 20.46 -13.76 16.09
C ASN A 97 21.65 -14.21 15.26
N LYS A 98 22.06 -13.36 14.32
CA LYS A 98 23.18 -13.69 13.45
C LYS A 98 24.10 -12.48 13.23
N LYS A 99 23.49 -11.32 12.96
CA LYS A 99 24.24 -10.09 12.71
C LYS A 99 23.46 -8.89 13.25
N ALA A 100 24.12 -7.73 13.29
CA ALA A 100 23.49 -6.49 13.75
C ALA A 100 23.51 -5.49 12.58
N TYR A 101 22.33 -4.64 12.55
CA TYR A 101 22.14 -3.75 11.41
C TYR A 101 21.94 -2.32 11.84
N GLY A 102 22.53 -1.39 11.09
CA GLY A 102 22.40 0.01 11.40
C GLY A 102 23.22 0.40 12.61
N PRO A 103 22.77 1.42 13.35
CA PRO A 103 21.55 2.17 13.06
C PRO A 103 21.59 2.99 11.76
N PHE A 104 20.43 3.33 11.13
CA PHE A 104 20.26 4.06 9.89
C PHE A 104 19.63 5.40 10.23
N GLY A 105 20.31 6.47 9.83
CA GLY A 105 19.81 7.80 10.13
C GLY A 105 20.95 8.61 10.69
N ASN A 106 20.86 9.93 10.60
CA ASN A 106 21.93 10.79 11.09
C ASN A 106 21.54 11.85 12.10
N THR A 107 20.29 11.85 12.53
CA THR A 107 19.85 12.84 13.51
C THR A 107 19.82 12.22 14.91
N GLY A 108 20.71 12.70 15.78
CA GLY A 108 20.76 12.20 17.14
C GLY A 108 19.61 12.72 17.98
N GLY A 109 19.29 11.99 19.04
CA GLY A 109 18.20 12.37 19.93
C GLY A 109 18.21 11.45 21.14
N THR A 110 17.14 11.49 21.93
CA THR A 110 17.03 10.63 23.12
C THR A 110 16.92 9.18 22.67
N PRO A 111 17.85 8.33 23.14
CA PRO A 111 17.91 6.91 22.79
C PRO A 111 16.94 5.95 23.49
N PHE A 112 16.80 4.78 22.88
CA PHE A 112 15.94 3.73 23.40
C PHE A 112 16.54 2.46 22.82
N SER A 113 16.36 1.34 23.53
CA SER A 113 16.89 0.07 23.08
C SER A 113 15.97 -1.01 23.57
N LEU A 114 15.82 -2.06 22.77
CA LEU A 114 14.94 -3.16 23.13
C LEU A 114 15.63 -4.47 22.86
N PRO A 115 16.67 -4.78 23.64
CA PRO A 115 17.40 -6.05 23.46
C PRO A 115 16.50 -7.18 23.93
N ILE A 116 16.26 -8.17 23.08
CA ILE A 116 15.39 -9.28 23.43
C ILE A 116 16.18 -10.51 23.86
N ALA A 117 16.22 -10.76 25.17
CA ALA A 117 16.94 -11.90 25.73
C ALA A 117 16.23 -13.22 25.36
N ALA A 118 14.91 -13.17 25.25
CA ALA A 118 14.13 -14.33 24.88
C ALA A 118 12.91 -13.87 24.12
N GLY A 119 12.82 -14.29 22.87
CA GLY A 119 11.70 -13.90 22.03
C GLY A 119 12.24 -13.32 20.74
N LYS A 120 11.34 -12.73 19.95
CA LYS A 120 11.71 -12.13 18.69
C LYS A 120 10.62 -11.14 18.33
N ILE A 121 10.92 -10.27 17.38
CA ILE A 121 9.96 -9.31 16.92
C ILE A 121 9.17 -10.07 15.86
N SER A 122 7.86 -9.89 15.84
CA SER A 122 7.05 -10.60 14.85
C SER A 122 6.23 -9.66 14.00
N GLY A 123 6.17 -8.39 14.37
CA GLY A 123 5.39 -7.44 13.59
C GLY A 123 5.69 -6.01 13.99
N PHE A 124 5.08 -5.06 13.28
CA PHE A 124 5.33 -3.64 13.55
C PHE A 124 4.07 -2.80 13.68
N PHE A 125 4.22 -1.65 14.30
CA PHE A 125 3.13 -0.71 14.44
C PHE A 125 3.72 0.65 14.83
N GLY A 126 2.93 1.71 14.73
CA GLY A 126 3.44 3.01 15.11
C GLY A 126 2.68 4.15 14.47
N ARG A 127 3.36 5.28 14.29
CA ARG A 127 2.76 6.44 13.67
C ARG A 127 3.64 6.91 12.53
N GLY A 128 3.01 7.23 11.40
CA GLY A 128 3.76 7.69 10.24
C GLY A 128 3.25 9.01 9.71
N GLY A 129 4.12 9.70 8.98
CA GLY A 129 3.78 10.98 8.39
C GLY A 129 4.72 11.19 7.21
N LYS A 130 5.34 12.36 7.13
CA LYS A 130 6.28 12.61 6.06
C LYS A 130 7.50 11.77 6.40
N PHE A 131 7.57 11.38 7.68
CA PHE A 131 8.66 10.56 8.21
C PHE A 131 8.11 9.54 9.21
N LEU A 132 9.02 8.80 9.85
CA LEU A 132 8.64 7.80 10.83
C LEU A 132 8.58 8.42 12.23
N ASP A 133 7.43 8.98 12.59
CA ASP A 133 7.27 9.62 13.88
C ASP A 133 7.56 8.67 15.05
N ALA A 134 6.99 7.48 14.99
CA ALA A 134 7.18 6.48 16.04
C ALA A 134 7.02 5.06 15.52
N ILE A 135 7.67 4.11 16.19
CA ILE A 135 7.61 2.71 15.81
C ILE A 135 7.60 1.80 17.05
N GLY A 136 6.85 0.71 16.96
CA GLY A 136 6.76 -0.24 18.04
C GLY A 136 6.83 -1.63 17.44
N VAL A 137 6.88 -2.66 18.28
CA VAL A 137 6.97 -4.04 17.77
C VAL A 137 6.05 -5.04 18.46
N TYR A 138 5.83 -6.16 17.79
CA TYR A 138 5.03 -7.27 18.30
C TYR A 138 6.05 -8.31 18.75
N LEU A 139 5.90 -8.81 19.97
CA LEU A 139 6.84 -9.81 20.48
C LEU A 139 6.20 -11.19 20.61
N GLU A 140 7.03 -12.21 20.49
CA GLU A 140 6.60 -13.61 20.64
C GLU A 140 7.82 -14.51 20.85
N PRO A 141 7.63 -15.64 21.56
CA PRO A 141 8.71 -16.61 21.84
C PRO A 141 9.59 -16.92 20.63
N GLY B 3 -31.03 8.40 -13.62
CA GLY B 3 -31.20 7.04 -13.69
C GLY B 3 -29.93 6.34 -14.15
N ALA B 4 -28.88 6.54 -13.38
CA ALA B 4 -27.61 5.92 -13.62
C ALA B 4 -27.36 5.08 -12.37
N ILE B 5 -26.74 3.91 -12.51
CA ILE B 5 -26.44 3.07 -11.37
C ILE B 5 -24.93 3.11 -11.15
N LYS B 6 -24.54 3.94 -10.18
CA LYS B 6 -23.14 4.11 -9.84
C LYS B 6 -22.87 3.34 -8.56
N VAL B 7 -22.05 2.31 -8.67
CA VAL B 7 -21.76 1.49 -7.52
C VAL B 7 -20.34 1.66 -6.98
N GLY B 8 -20.24 1.57 -5.66
CA GLY B 8 -18.96 1.68 -5.02
C GLY B 8 -18.28 3.02 -4.96
N ALA B 9 -16.96 2.92 -5.02
CA ALA B 9 -16.00 4.00 -4.94
C ALA B 9 -15.12 3.46 -3.83
N TRP B 10 -14.40 2.38 -4.14
CA TRP B 10 -13.49 1.75 -3.18
C TRP B 10 -12.16 2.47 -3.19
N GLY B 11 -11.68 2.86 -2.02
CA GLY B 11 -10.42 3.57 -1.96
C GLY B 11 -10.43 4.69 -0.94
N GLY B 12 -9.47 5.59 -1.03
CA GLY B 12 -9.37 6.69 -0.08
C GLY B 12 -10.13 7.98 -0.40
N ASN B 13 -9.79 9.04 0.32
CA ASN B 13 -10.44 10.33 0.13
C ASN B 13 -9.47 11.38 -0.38
N GLY B 14 -8.22 10.97 -0.60
CA GLY B 14 -7.23 11.89 -1.11
C GLY B 14 -7.52 12.23 -2.56
N GLY B 15 -6.55 12.84 -3.23
CA GLY B 15 -6.72 13.19 -4.62
C GLY B 15 -7.95 14.04 -4.94
N SER B 16 -8.26 14.13 -6.23
CA SER B 16 -9.40 14.90 -6.69
C SER B 16 -10.37 13.96 -7.42
N ALA B 17 -11.66 14.24 -7.28
CA ALA B 17 -12.68 13.43 -7.91
C ALA B 17 -12.59 13.46 -9.42
N PHE B 18 -12.95 12.35 -10.05
CA PHE B 18 -12.96 12.26 -11.50
C PHE B 18 -14.21 11.48 -11.84
N ASP B 19 -14.86 11.83 -12.94
CA ASP B 19 -16.09 11.14 -13.34
C ASP B 19 -16.12 10.92 -14.85
N MET B 20 -15.75 9.72 -15.27
CA MET B 20 -15.72 9.41 -16.70
C MET B 20 -17.10 9.40 -17.35
N GLY B 21 -18.13 9.20 -16.53
CA GLY B 21 -19.48 9.13 -17.05
C GLY B 21 -19.67 7.80 -17.78
N PRO B 22 -20.88 7.47 -18.20
CA PRO B 22 -21.08 6.20 -18.90
C PRO B 22 -20.65 6.29 -20.35
N ALA B 23 -20.15 5.17 -20.89
CA ALA B 23 -19.70 5.12 -22.27
C ALA B 23 -20.61 4.23 -23.08
N TYR B 24 -20.67 4.46 -24.40
CA TYR B 24 -21.48 3.62 -25.26
C TYR B 24 -20.81 2.25 -25.32
N ARG B 25 -19.49 2.24 -25.44
CA ARG B 25 -18.72 1.00 -25.48
C ARG B 25 -17.28 1.19 -25.03
N ILE B 26 -16.74 0.54 -24.10
CA ILE B 26 -15.44 0.65 -23.74
C ILE B 26 -14.70 -0.16 -24.81
N ILE B 27 -13.54 0.32 -25.00
CA ILE B 27 -12.69 -0.28 -26.02
C ILE B 27 -11.50 -0.96 -25.37
N SER B 28 -10.91 -0.27 -24.41
CA SER B 28 -9.76 -0.83 -23.73
C SER B 28 -9.50 -0.11 -22.43
N VAL B 29 -8.78 -0.78 -21.54
CA VAL B 29 -8.43 -0.19 -20.26
C VAL B 29 -6.97 -0.53 -19.98
N LYS B 30 -6.21 0.47 -19.54
CA LYS B 30 -4.81 0.27 -19.21
C LYS B 30 -4.65 0.57 -17.73
N ILE B 31 -4.00 -0.35 -17.01
CA ILE B 31 -3.80 -0.17 -15.58
C ILE B 31 -2.32 0.00 -15.24
N PHE B 32 -1.93 1.24 -14.92
CA PHE B 32 -0.56 1.52 -14.56
C PHE B 32 -0.35 1.21 -13.09
N SER B 33 0.54 0.27 -12.81
CA SER B 33 0.80 -0.11 -11.43
C SER B 33 2.27 -0.31 -11.10
N GLY B 34 2.59 -0.15 -9.84
CA GLY B 34 3.93 -0.36 -9.31
C GLY B 34 3.71 -0.99 -7.94
N ASP B 35 4.11 -0.29 -6.93
CA ASP B 35 3.85 -0.75 -5.60
C ASP B 35 2.32 -0.80 -5.45
N VAL B 36 1.63 0.10 -6.15
CA VAL B 36 0.20 0.23 -6.07
C VAL B 36 -0.36 0.43 -7.46
N VAL B 37 -1.46 1.15 -7.43
CA VAL B 37 -2.08 1.46 -8.68
C VAL B 37 -1.93 2.94 -8.93
N ASP B 38 -1.04 3.26 -9.87
CA ASP B 38 -0.77 4.65 -10.25
C ASP B 38 -1.92 5.33 -10.97
N GLY B 39 -2.51 4.65 -11.93
CA GLY B 39 -3.62 5.23 -12.66
C GLY B 39 -4.22 4.30 -13.69
N VAL B 40 -5.38 4.69 -14.20
CA VAL B 40 -6.08 3.91 -15.20
C VAL B 40 -6.30 4.74 -16.46
N ASP B 41 -6.31 4.06 -17.61
CA ASP B 41 -6.53 4.69 -18.91
C ASP B 41 -7.75 4.04 -19.55
N VAL B 42 -8.72 4.85 -19.98
CA VAL B 42 -9.92 4.31 -20.61
C VAL B 42 -10.23 4.91 -21.99
N THR B 43 -10.30 4.04 -22.99
CA THR B 43 -10.62 4.45 -24.36
C THR B 43 -11.99 3.86 -24.66
N PHE B 44 -12.91 4.72 -25.09
CA PHE B 44 -14.29 4.32 -25.34
C PHE B 44 -15.00 5.19 -26.38
N THR B 45 -16.10 4.67 -26.93
CA THR B 45 -16.88 5.43 -27.91
C THR B 45 -17.94 6.15 -27.10
N TYR B 46 -18.38 7.31 -27.58
CA TYR B 46 -19.37 8.12 -26.88
C TYR B 46 -20.10 8.99 -27.88
N TYR B 47 -21.26 8.52 -28.33
CA TYR B 47 -22.08 9.26 -29.28
C TYR B 47 -21.35 9.61 -30.59
N GLY B 48 -20.78 8.60 -31.22
CA GLY B 48 -20.08 8.80 -32.47
C GLY B 48 -18.60 9.07 -32.32
N LYS B 49 -18.22 9.73 -31.23
CA LYS B 49 -16.83 10.08 -30.98
C LYS B 49 -16.07 8.98 -30.23
N THR B 50 -14.75 8.98 -30.36
CA THR B 50 -13.89 8.02 -29.66
C THR B 50 -13.03 8.86 -28.75
N GLU B 51 -13.07 8.56 -27.45
CA GLU B 51 -12.29 9.35 -26.50
C GLU B 51 -11.41 8.52 -25.59
N THR B 52 -10.48 9.20 -24.93
CA THR B 52 -9.55 8.57 -24.01
C THR B 52 -9.41 9.41 -22.76
N ARG B 53 -9.65 8.79 -21.61
CA ARG B 53 -9.51 9.47 -20.32
C ARG B 53 -8.44 8.77 -19.49
N HIS B 54 -7.74 9.52 -18.66
CA HIS B 54 -6.71 8.97 -17.80
C HIS B 54 -6.90 9.46 -16.37
N TYR B 55 -6.88 8.52 -15.41
CA TYR B 55 -7.05 8.86 -14.01
C TYR B 55 -5.86 8.41 -13.18
N GLY B 56 -5.38 9.28 -12.30
CA GLY B 56 -4.26 8.92 -11.47
C GLY B 56 -2.97 9.62 -11.82
N GLY B 57 -1.88 9.14 -11.23
CA GLY B 57 -0.58 9.73 -11.48
C GLY B 57 -0.01 9.33 -12.83
N SER B 58 1.28 9.57 -13.01
CA SER B 58 1.95 9.25 -14.26
C SER B 58 3.00 8.14 -14.16
N GLY B 59 3.02 7.44 -13.03
CA GLY B 59 3.98 6.38 -12.85
C GLY B 59 3.47 5.00 -13.20
N GLY B 60 4.18 3.98 -12.75
CA GLY B 60 3.79 2.61 -13.00
C GLY B 60 3.99 2.08 -14.40
N THR B 61 3.72 0.78 -14.56
CA THR B 61 3.84 0.09 -15.82
C THR B 61 2.44 -0.28 -16.30
N PRO B 62 2.14 -0.02 -17.58
CA PRO B 62 0.84 -0.32 -18.16
C PRO B 62 0.53 -1.79 -18.36
N HIS B 63 -0.70 -2.15 -18.11
CA HIS B 63 -1.28 -3.45 -18.28
C HIS B 63 -2.56 -3.19 -19.01
N GLU B 64 -2.65 -3.63 -20.26
CA GLU B 64 -3.81 -3.34 -21.06
C GLU B 64 -4.81 -4.46 -21.30
N ILE B 65 -6.07 -4.10 -21.20
CA ILE B 65 -7.16 -5.01 -21.44
C ILE B 65 -7.88 -4.40 -22.64
N VAL B 66 -7.87 -5.13 -23.75
CA VAL B 66 -8.52 -4.67 -24.97
C VAL B 66 -9.75 -5.51 -25.20
N LEU B 67 -10.91 -4.94 -24.93
CA LEU B 67 -12.16 -5.68 -25.12
C LEU B 67 -12.34 -6.10 -26.57
N GLN B 68 -12.62 -7.38 -26.76
CA GLN B 68 -12.80 -7.95 -28.09
C GLN B 68 -14.24 -7.77 -28.58
N GLU B 69 -14.53 -8.33 -29.74
CA GLU B 69 -15.86 -8.23 -30.35
C GLU B 69 -16.95 -8.87 -29.47
N GLY B 70 -17.81 -8.03 -28.91
CA GLY B 70 -18.90 -8.52 -28.06
C GLY B 70 -18.46 -8.97 -26.67
N GLU B 71 -17.36 -8.39 -26.19
CA GLU B 71 -16.80 -8.71 -24.89
C GLU B 71 -16.86 -7.49 -23.97
N TYR B 72 -17.40 -7.65 -22.77
CA TYR B 72 -17.53 -6.55 -21.83
C TYR B 72 -16.89 -6.81 -20.49
N LEU B 73 -16.76 -5.76 -19.69
CA LEU B 73 -16.19 -5.88 -18.35
C LEU B 73 -17.34 -6.33 -17.44
N VAL B 74 -17.21 -7.52 -16.86
CA VAL B 74 -18.26 -8.04 -16.01
C VAL B 74 -17.79 -8.27 -14.58
N GLY B 75 -16.72 -7.59 -14.20
CA GLY B 75 -16.19 -7.74 -12.85
C GLY B 75 -14.98 -6.88 -12.54
N MET B 76 -14.92 -6.39 -11.31
CA MET B 76 -13.79 -5.57 -10.87
C MET B 76 -13.44 -5.95 -9.44
N ALA B 77 -12.16 -6.05 -9.14
CA ALA B 77 -11.70 -6.41 -7.81
C ALA B 77 -10.32 -5.83 -7.51
N GLY B 78 -9.99 -5.71 -6.23
CA GLY B 78 -8.69 -5.18 -5.87
C GLY B 78 -8.55 -5.04 -4.37
N GLU B 79 -7.70 -4.11 -3.94
CA GLU B 79 -7.48 -3.88 -2.53
C GLU B 79 -7.05 -2.44 -2.24
N VAL B 80 -7.85 -1.74 -1.45
CA VAL B 80 -7.52 -0.38 -1.06
C VAL B 80 -6.43 -0.53 0.00
N ALA B 81 -5.47 0.39 0.03
CA ALA B 81 -4.38 0.28 1.00
C ALA B 81 -3.84 1.61 1.49
N ASN B 82 -3.03 1.56 2.55
CA ASN B 82 -2.43 2.77 3.07
C ASN B 82 -0.97 2.79 2.65
N TYR B 83 -0.72 3.43 1.51
CA TYR B 83 0.61 3.54 0.95
C TYR B 83 1.32 4.77 1.52
N HIS B 84 2.30 4.52 2.39
CA HIS B 84 3.07 5.58 3.02
C HIS B 84 2.23 6.77 3.46
N GLY B 85 1.00 6.52 3.91
CA GLY B 85 0.16 7.61 4.38
C GLY B 85 -1.11 7.87 3.62
N ALA B 86 -1.12 7.60 2.31
CA ALA B 86 -2.32 7.85 1.52
C ALA B 86 -3.09 6.56 1.24
N VAL B 87 -4.41 6.61 1.48
CA VAL B 87 -5.27 5.47 1.23
C VAL B 87 -5.53 5.42 -0.27
N VAL B 88 -4.88 4.48 -0.95
CA VAL B 88 -5.00 4.33 -2.40
C VAL B 88 -5.23 2.87 -2.74
N LEU B 89 -5.58 2.58 -3.99
CA LEU B 89 -5.78 1.21 -4.41
C LEU B 89 -4.39 0.60 -4.57
N GLY B 90 -4.19 -0.59 -4.02
CA GLY B 90 -2.88 -1.22 -4.10
C GLY B 90 -2.82 -2.35 -5.11
N LYS B 91 -3.98 -2.90 -5.45
CA LYS B 91 -4.06 -3.97 -6.43
C LYS B 91 -5.37 -3.75 -7.16
N LEU B 92 -5.39 -4.05 -8.47
CA LEU B 92 -6.61 -3.85 -9.24
C LEU B 92 -6.66 -4.73 -10.47
N GLY B 93 -7.83 -5.28 -10.72
CA GLY B 93 -8.01 -6.13 -11.88
C GLY B 93 -9.45 -6.13 -12.33
N PHE B 94 -9.68 -6.58 -13.56
CA PHE B 94 -11.02 -6.65 -14.09
C PHE B 94 -11.24 -8.02 -14.68
N SER B 95 -12.49 -8.32 -14.99
CA SER B 95 -12.84 -9.59 -15.58
C SER B 95 -13.79 -9.30 -16.73
N THR B 96 -13.62 -10.04 -17.80
CA THR B 96 -14.49 -9.89 -18.94
C THR B 96 -15.25 -11.20 -18.96
N ASN B 97 -16.35 -11.24 -19.70
CA ASN B 97 -17.17 -12.44 -19.79
C ASN B 97 -16.40 -13.53 -20.54
N LYS B 98 -15.11 -13.32 -20.71
CA LYS B 98 -14.29 -14.28 -21.43
C LYS B 98 -13.03 -14.66 -20.69
N LYS B 99 -12.53 -13.75 -19.85
CA LYS B 99 -11.30 -13.97 -19.11
C LYS B 99 -11.14 -12.99 -17.94
N ALA B 100 -10.26 -13.34 -17.01
CA ALA B 100 -9.98 -12.49 -15.83
C ALA B 100 -8.56 -11.83 -15.96
N TYR B 101 -8.28 -10.61 -15.37
CA TYR B 101 -7.00 -9.94 -15.46
C TYR B 101 -6.48 -9.45 -14.12
N GLY B 102 -5.17 -9.56 -13.94
CA GLY B 102 -4.55 -9.11 -12.71
C GLY B 102 -4.99 -9.97 -11.53
N PRO B 103 -5.20 -9.35 -10.36
CA PRO B 103 -5.03 -7.92 -10.13
C PRO B 103 -3.59 -7.48 -10.33
N PHE B 104 -3.29 -6.09 -10.62
CA PHE B 104 -1.99 -5.53 -10.82
C PHE B 104 -1.71 -4.62 -9.64
N GLY B 105 -0.50 -4.71 -9.09
CA GLY B 105 -0.13 -3.93 -7.93
C GLY B 105 0.44 -4.90 -6.91
N ASN B 106 1.27 -4.41 -5.99
CA ASN B 106 1.86 -5.30 -4.99
C ASN B 106 1.66 -4.86 -3.56
N THR B 107 0.62 -4.09 -3.30
CA THR B 107 0.37 -3.63 -1.94
C THR B 107 -1.02 -4.04 -1.51
N GLY B 108 -1.08 -4.91 -0.51
CA GLY B 108 -2.36 -5.37 -0.02
C GLY B 108 -3.02 -4.42 0.96
N GLY B 109 -4.24 -4.75 1.33
CA GLY B 109 -5.02 -3.97 2.25
C GLY B 109 -6.37 -4.66 2.34
N THR B 110 -7.40 -3.93 2.72
CA THR B 110 -8.72 -4.53 2.79
C THR B 110 -9.25 -4.75 1.37
N PRO B 111 -9.47 -6.03 1.00
CA PRO B 111 -9.96 -6.42 -0.32
C PRO B 111 -11.39 -6.00 -0.61
N PHE B 112 -11.78 -6.12 -1.88
CA PHE B 112 -13.11 -5.76 -2.34
C PHE B 112 -13.26 -6.42 -3.70
N SER B 113 -14.49 -6.81 -4.03
CA SER B 113 -14.76 -7.45 -5.29
C SER B 113 -16.15 -7.09 -5.73
N LEU B 114 -16.35 -7.07 -7.04
CA LEU B 114 -17.65 -6.73 -7.60
C LEU B 114 -17.95 -7.62 -8.78
N PRO B 115 -18.43 -8.85 -8.52
CA PRO B 115 -18.73 -9.72 -9.66
C PRO B 115 -20.07 -9.28 -10.20
N ILE B 116 -20.24 -9.33 -11.52
CA ILE B 116 -21.49 -8.92 -12.14
C ILE B 116 -22.13 -10.09 -12.88
N ALA B 117 -23.21 -10.61 -12.31
CA ALA B 117 -23.92 -11.74 -12.87
C ALA B 117 -24.83 -11.33 -14.02
N ALA B 118 -25.25 -10.07 -14.00
CA ALA B 118 -26.13 -9.54 -15.02
C ALA B 118 -25.85 -8.06 -15.15
N GLY B 119 -25.27 -7.68 -16.28
CA GLY B 119 -24.96 -6.29 -16.51
C GLY B 119 -23.51 -6.18 -16.90
N LYS B 120 -23.02 -4.95 -16.98
CA LYS B 120 -21.64 -4.71 -17.33
C LYS B 120 -21.22 -3.37 -16.79
N ILE B 121 -19.93 -3.10 -16.90
CA ILE B 121 -19.35 -1.83 -16.48
C ILE B 121 -19.35 -0.97 -17.74
N SER B 122 -19.70 0.30 -17.61
CA SER B 122 -19.74 1.18 -18.77
C SER B 122 -19.10 2.52 -18.45
N GLY B 123 -18.44 2.62 -17.30
CA GLY B 123 -17.81 3.87 -16.94
C GLY B 123 -17.07 3.79 -15.64
N PHE B 124 -16.38 4.87 -15.28
CA PHE B 124 -15.62 4.91 -14.05
C PHE B 124 -15.73 6.26 -13.38
N PHE B 125 -15.41 6.29 -12.10
CA PHE B 125 -15.43 7.52 -11.32
C PHE B 125 -14.67 7.24 -10.02
N GLY B 126 -14.29 8.30 -9.31
CA GLY B 126 -13.56 8.10 -8.08
C GLY B 126 -12.68 9.29 -7.77
N ARG B 127 -11.47 9.02 -7.27
CA ARG B 127 -10.55 10.09 -6.93
C ARG B 127 -9.17 9.68 -7.39
N GLY B 128 -8.35 10.68 -7.70
CA GLY B 128 -7.00 10.39 -8.14
C GLY B 128 -6.04 11.53 -7.87
N GLY B 129 -4.76 11.22 -7.92
CA GLY B 129 -3.74 12.22 -7.67
C GLY B 129 -2.46 11.69 -8.26
N LYS B 130 -1.48 11.41 -7.40
CA LYS B 130 -0.22 10.85 -7.85
C LYS B 130 -0.50 9.38 -8.12
N PHE B 131 -1.53 8.87 -7.46
CA PHE B 131 -1.97 7.49 -7.63
C PHE B 131 -3.49 7.45 -7.70
N LEU B 132 -4.03 6.27 -8.00
CA LEU B 132 -5.48 6.10 -8.10
C LEU B 132 -6.02 5.93 -6.68
N ASP B 133 -6.41 7.03 -6.05
CA ASP B 133 -6.94 7.00 -4.70
C ASP B 133 -8.15 6.09 -4.51
N ALA B 134 -9.13 6.21 -5.40
CA ALA B 134 -10.33 5.39 -5.30
C ALA B 134 -11.00 5.23 -6.66
N ILE B 135 -11.80 4.18 -6.82
CA ILE B 135 -12.47 3.95 -8.09
C ILE B 135 -13.84 3.30 -7.93
N GLY B 136 -14.75 3.68 -8.81
CA GLY B 136 -16.10 3.16 -8.81
C GLY B 136 -16.51 2.92 -10.26
N VAL B 137 -17.67 2.35 -10.49
CA VAL B 137 -18.09 2.07 -11.85
C VAL B 137 -19.55 2.37 -12.13
N TYR B 138 -19.87 2.51 -13.40
CA TYR B 138 -21.24 2.74 -13.85
C TYR B 138 -21.70 1.37 -14.35
N LEU B 139 -22.88 0.92 -13.93
CA LEU B 139 -23.38 -0.39 -14.37
C LEU B 139 -24.57 -0.25 -15.29
N GLU B 140 -24.68 -1.15 -16.26
CA GLU B 140 -25.79 -1.13 -17.19
C GLU B 140 -26.25 -2.54 -17.56
N PRO B 141 -27.52 -2.68 -17.98
CA PRO B 141 -28.09 -3.97 -18.36
C PRO B 141 -27.24 -4.69 -19.38
C2 BGC C . 2.67 15.18 9.15
C3 BGC C . 2.77 15.28 10.67
C4 BGC C . 3.92 14.44 11.23
C5 BGC C . 5.21 14.57 10.40
C6 BGC C . 6.23 13.50 10.74
C1 BGC C . 4.04 15.41 8.52
O1 BGC C . 3.95 15.25 7.14
O2 BGC C . 1.76 16.14 8.66
O3 BGC C . 1.54 14.78 11.21
O4 BGC C . 4.18 14.84 12.56
O5 BGC C . 4.93 14.41 9.00
O6 BGC C . 6.52 12.69 9.62
C2 BGC C . -0.71 15.04 11.90
C3 BGC C . -1.65 15.93 12.72
C4 BGC C . -1.02 16.20 14.08
C5 BGC C . 0.34 16.86 13.87
C6 BGC C . 1.06 17.16 15.16
C1 BGC C . 0.67 15.68 11.81
O2 BGC C . -1.25 14.85 10.60
O3 BGC C . -2.91 15.29 12.88
O4 BGC C . -1.87 17.06 14.83
O5 BGC C . 1.19 15.97 13.11
O6 BGC C . 2.46 17.29 14.94
C2 BGC D . 17.57 12.82 2.17
C3 BGC D . 16.16 12.51 1.69
C4 BGC D . 15.18 12.25 2.84
C5 BGC D . 15.32 13.33 3.94
C6 BGC D . 14.57 12.95 5.20
C1 BGC D . 17.51 13.92 3.23
O1 BGC D . 18.80 14.16 3.72
O2 BGC D . 18.38 13.23 1.08
O3 BGC D . 16.20 11.34 0.85
O4 BGC D . 13.86 12.25 2.35
O5 BGC D . 16.69 13.50 4.32
O6 BGC D . 15.35 12.13 6.06
C2 BGC D . 16.37 10.32 -1.29
C3 BGC D . 15.99 10.51 -2.76
C4 BGC D . 14.51 10.82 -2.88
C5 BGC D . 14.18 12.05 -2.03
C6 BGC D . 12.71 12.40 -2.05
C1 BGC D . 15.95 11.55 -0.49
O2 BGC D . 17.77 10.11 -1.17
O3 BGC D . 16.28 9.33 -3.48
O4 BGC D . 14.17 11.08 -4.23
O5 BGC D . 14.55 11.81 -0.65
O6 BGC D . 12.39 13.32 -1.00
C2 BGC E . -2.17 14.25 -3.74
C3 BGC E . -3.23 13.72 -2.79
C4 BGC E . -3.57 12.25 -3.13
C5 BGC E . -2.30 11.40 -3.24
C6 BGC E . -2.59 10.02 -3.77
C1 BGC E . -0.95 13.32 -3.72
O1 BGC E . 0.01 13.76 -4.61
O2 BGC E . -1.78 15.56 -3.34
O3 BGC E . -4.42 14.52 -2.93
O4 BGC E . -4.39 11.72 -2.10
O5 BGC E . -1.35 12.00 -4.14
O6 BGC E . -2.58 10.00 -5.19
C2 BGC E . -5.83 16.35 -2.41
C3 BGC E . -6.12 17.41 -1.35
C4 BGC E . -6.30 16.75 0.02
C5 BGC E . -5.11 15.84 0.34
C6 BGC E . -5.32 15.05 1.62
C1 BGC E . -4.63 15.51 -1.99
O2 BGC E . -5.59 16.96 -3.65
O3 BGC E . -7.30 18.11 -1.70
O4 BGC E . -6.43 17.76 1.01
O5 BGC E . -4.90 14.88 -0.72
O6 BGC E . -4.52 13.88 1.63
C2 BGC F . 7.35 1.93 -9.46
C3 BGC F . 6.79 3.22 -10.04
C4 BGC F . 5.44 3.56 -9.41
C5 BGC F . 5.46 3.46 -7.88
C6 BGC F . 4.06 3.46 -7.30
C1 BGC F . 7.39 2.05 -7.95
O1 BGC F . 7.91 0.87 -7.41
O2 BGC F . 8.65 1.69 -9.97
O3 BGC F . 6.65 3.08 -11.45
O4 BGC F . 5.07 4.89 -9.78
O5 BGC F . 6.06 2.22 -7.45
O6 BGC F . 3.30 2.36 -7.80
C2 BGC F . 7.64 2.94 -13.60
C3 BGC F . 8.73 3.55 -14.47
C4 BGC F . 8.60 5.08 -14.50
C5 BGC F . 8.52 5.65 -13.09
C6 BGC F . 8.19 7.13 -13.08
C1 BGC F . 7.67 3.58 -12.22
O2 BGC F . 7.84 1.54 -13.47
O3 BGC F . 8.64 3.02 -15.78
O4 BGC F . 9.72 5.62 -15.17
O5 BGC F . 7.47 5.00 -12.34
O6 BGC F . 7.60 7.52 -11.85
CD CD G . 7.83 2.05 0.48
CD CD H . 15.24 23.50 11.78
S SO4 I . -4.69 8.32 14.68
O1 SO4 I . -5.44 9.58 14.73
O2 SO4 I . -5.57 7.24 14.21
O3 SO4 I . -4.17 7.99 16.03
O4 SO4 I . -3.55 8.46 13.74
#